data_3VZU
#
_entry.id   3VZU
#
_cell.length_a   84.482
_cell.length_b   84.482
_cell.length_c   106.302
_cell.angle_alpha   90.00
_cell.angle_beta   90.00
_cell.angle_gamma   120.00
#
_symmetry.space_group_name_H-M   'P 63'
#
loop_
_entity.id
_entity.type
_entity.pdbx_description
1 polymer 'outer membrane protein'
2 non-polymer 'PHOSPHOAMINOPHOSPHONIC ACID-ADENYLATE ESTER'
#
_entity_poly.entity_id   1
_entity_poly.type   'polypeptide(L)'
_entity_poly.pdbx_seq_one_letter_code
;MASMTGGQQMGRDLQVTLYGTIKAGVEVSRVKDAGTYKAQGGKSKTATQIADFGSKIGFKGQEDLGNGMKAIWQLEQKAS
IAGTNSGWGNRQSFIGLKGGFGTVRAGNLNTVLKDSGDNVNAWESGSNTEDVLGLGTIGRVESREISVRYDSPVFAGFSG
SVQYVPRDNANDVDKYKHTKSSRESYHAGLKYENAGFFGQYAGSFAKYADLNTDAERVAVNTANAHPVKDYQVHRVVAGY
DANDLYVSVAGQYEAAKNNEVGSIKGKKHEQTQVAATAAYRFGNVTPRVSYAHGFKAKVNGVKDANYQYDQVIVGADYDF
SKRTSALVSAGWLKQGKGAGKVEQTASMVGLRHKF
;
_entity_poly.pdbx_strand_id   X
#
loop_
_chem_comp.id
_chem_comp.type
_chem_comp.name
_chem_comp.formula
ANP non-polymer 'PHOSPHOAMINOPHOSPHONIC ACID-ADENYLATE ESTER' 'C10 H17 N6 O12 P3'
#
# COMPACT_ATOMS: atom_id res chain seq x y z
N GLN A 15 19.91 23.24 -10.04
CA GLN A 15 20.01 22.18 -9.00
C GLN A 15 18.84 21.19 -8.89
N VAL A 16 19.08 20.08 -9.59
CA VAL A 16 18.20 18.93 -9.73
C VAL A 16 18.89 17.81 -8.95
N THR A 17 18.14 16.98 -8.22
CA THR A 17 18.79 15.91 -7.47
C THR A 17 18.43 14.47 -7.84
N LEU A 18 19.44 13.60 -7.77
CA LEU A 18 19.29 12.18 -8.07
C LEU A 18 19.21 11.39 -6.76
N TYR A 19 18.33 10.40 -6.72
CA TYR A 19 18.17 9.58 -5.51
C TYR A 19 17.63 8.20 -5.82
N GLY A 20 17.28 7.47 -4.77
CA GLY A 20 16.74 6.14 -4.93
C GLY A 20 16.93 5.27 -3.70
N THR A 21 16.94 3.96 -3.93
CA THR A 21 17.14 2.99 -2.89
C THR A 21 17.52 1.74 -3.66
N ILE A 22 18.19 0.81 -3.01
CA ILE A 22 18.55 -0.43 -3.69
C ILE A 22 18.31 -1.38 -2.57
N LYS A 23 17.66 -2.49 -2.84
CA LYS A 23 17.45 -3.43 -1.78
C LYS A 23 17.20 -4.80 -2.39
N ALA A 24 17.87 -5.79 -1.81
CA ALA A 24 17.76 -7.16 -2.29
C ALA A 24 17.97 -8.01 -1.08
N GLY A 25 17.69 -9.30 -1.21
CA GLY A 25 17.89 -10.19 -0.10
C GLY A 25 17.40 -11.56 -0.51
N VAL A 26 17.70 -12.59 0.26
CA VAL A 26 17.19 -13.91 -0.10
C VAL A 26 16.00 -14.19 0.81
N GLU A 27 14.89 -14.63 0.23
CA GLU A 27 13.73 -14.94 1.03
C GLU A 27 13.45 -16.44 0.93
N VAL A 28 12.93 -17.01 2.02
CA VAL A 28 12.61 -18.43 2.10
C VAL A 28 11.11 -18.57 2.39
N SER A 29 10.45 -19.51 1.71
CA SER A 29 9.02 -19.68 1.88
C SER A 29 8.44 -21.07 1.60
N ARG A 30 7.24 -21.29 2.12
CA ARG A 30 6.50 -22.54 1.95
C ARG A 30 5.04 -22.19 2.13
N VAL A 31 4.17 -22.89 1.40
CA VAL A 31 2.75 -22.62 1.48
C VAL A 31 2.06 -23.93 1.86
N LYS A 32 1.10 -23.85 2.78
CA LYS A 32 0.35 -25.04 3.18
C LYS A 32 -1.04 -24.84 2.58
N ASP A 33 -1.31 -25.51 1.47
CA ASP A 33 -2.59 -25.39 0.78
C ASP A 33 -3.06 -26.74 0.28
N ALA A 34 -4.01 -27.34 1.00
CA ALA A 34 -4.56 -28.65 0.66
C ALA A 34 -4.99 -28.68 -0.80
N GLY A 35 -5.75 -27.67 -1.20
CA GLY A 35 -6.26 -27.57 -2.55
C GLY A 35 -5.33 -27.67 -3.75
N THR A 36 -4.33 -26.80 -3.85
CA THR A 36 -3.44 -26.86 -5.00
C THR A 36 -2.09 -27.50 -4.76
N TYR A 37 -1.99 -28.28 -3.68
CA TYR A 37 -0.77 -29.00 -3.38
C TYR A 37 -1.26 -30.42 -3.11
N LYS A 38 -0.61 -31.39 -3.79
CA LYS A 38 -0.98 -32.80 -3.68
C LYS A 38 0.06 -33.53 -2.83
N ALA A 39 1.14 -32.82 -2.48
CA ALA A 39 2.17 -33.43 -1.67
C ALA A 39 1.52 -33.78 -0.30
N GLN A 40 2.28 -34.50 0.51
CA GLN A 40 1.82 -34.98 1.80
C GLN A 40 1.20 -33.88 2.63
N GLY A 41 -0.05 -34.06 3.05
CA GLY A 41 -0.69 -33.12 3.94
C GLY A 41 -0.91 -31.69 3.49
N GLY A 42 -0.85 -31.47 2.18
CA GLY A 42 -1.05 -30.14 1.63
C GLY A 42 0.14 -29.20 1.63
N LYS A 43 1.29 -29.67 2.08
CA LYS A 43 2.49 -28.82 2.13
C LYS A 43 3.28 -28.68 0.84
N SER A 44 3.65 -27.44 0.53
CA SER A 44 4.43 -27.15 -0.66
C SER A 44 5.89 -27.40 -0.32
N LYS A 45 6.78 -27.38 -1.30
CA LYS A 45 8.19 -27.54 -0.98
C LYS A 45 8.56 -26.18 -0.41
N THR A 46 9.81 -26.00 -0.01
CA THR A 46 10.24 -24.73 0.53
C THR A 46 11.13 -24.01 -0.50
N ALA A 47 10.67 -22.85 -0.96
CA ALA A 47 11.39 -22.06 -1.97
C ALA A 47 12.39 -21.07 -1.38
N THR A 48 13.64 -21.13 -1.86
CA THR A 48 14.74 -20.25 -1.42
C THR A 48 15.20 -19.35 -2.58
N GLN A 49 14.83 -18.07 -2.54
CA GLN A 49 15.17 -17.15 -3.63
C GLN A 49 15.87 -15.85 -3.30
N ILE A 50 16.72 -15.39 -4.23
CA ILE A 50 17.39 -14.07 -4.11
C ILE A 50 16.25 -13.22 -4.71
N ALA A 51 15.97 -12.03 -4.17
CA ALA A 51 14.89 -11.24 -4.72
C ALA A 51 15.00 -9.75 -4.44
N ASP A 52 14.79 -8.94 -5.48
CA ASP A 52 14.86 -7.49 -5.32
C ASP A 52 13.67 -7.14 -4.46
N PHE A 53 13.85 -6.18 -3.54
CA PHE A 53 12.78 -5.77 -2.64
C PHE A 53 12.10 -4.49 -3.09
N GLY A 54 12.34 -4.08 -4.33
CA GLY A 54 11.71 -2.87 -4.81
C GLY A 54 12.67 -1.73 -4.97
N SER A 55 13.83 -2.01 -5.53
CA SER A 55 14.81 -0.96 -5.75
C SER A 55 14.14 0.09 -6.61
N LYS A 56 14.57 1.33 -6.48
CA LYS A 56 13.97 2.42 -7.24
C LYS A 56 15.01 3.48 -7.50
N ILE A 57 14.73 4.42 -8.40
CA ILE A 57 15.67 5.50 -8.69
C ILE A 57 14.93 6.67 -9.28
N GLY A 58 15.06 7.82 -8.63
CA GLY A 58 14.36 8.99 -9.11
C GLY A 58 15.21 10.21 -9.42
N PHE A 59 14.54 11.23 -9.93
CA PHE A 59 15.18 12.50 -10.27
C PHE A 59 14.14 13.55 -9.92
N LYS A 60 14.38 14.29 -8.85
CA LYS A 60 13.47 15.35 -8.44
C LYS A 60 14.19 16.67 -8.54
N GLY A 61 13.44 17.76 -8.53
CA GLY A 61 14.07 19.04 -8.62
C GLY A 61 13.12 20.10 -8.18
N GLN A 62 13.60 21.34 -8.10
CA GLN A 62 12.77 22.46 -7.69
C GLN A 62 13.57 23.71 -7.96
N GLU A 63 12.84 24.77 -8.26
CA GLU A 63 13.40 26.08 -8.55
C GLU A 63 12.55 27.09 -7.75
N ASP A 64 13.18 28.14 -7.24
CA ASP A 64 12.43 29.14 -6.49
C ASP A 64 11.85 30.06 -7.53
N LEU A 65 10.61 30.47 -7.29
CA LEU A 65 9.95 31.32 -8.26
C LEU A 65 9.91 32.83 -8.04
N GLY A 66 10.50 33.28 -6.94
CA GLY A 66 10.53 34.71 -6.68
C GLY A 66 9.93 35.15 -5.37
N ASN A 67 8.77 34.59 -5.08
CA ASN A 67 8.09 34.94 -3.85
C ASN A 67 8.16 33.62 -3.10
N GLY A 68 7.26 33.40 -2.14
CA GLY A 68 7.31 32.14 -1.42
C GLY A 68 7.23 30.87 -2.27
N MET A 69 6.86 31.04 -3.54
CA MET A 69 6.69 29.92 -4.46
C MET A 69 7.88 29.18 -5.07
N LYS A 70 7.70 27.87 -5.16
CA LYS A 70 8.69 26.95 -5.72
C LYS A 70 8.04 25.98 -6.70
N ALA A 71 8.62 25.87 -7.90
CA ALA A 71 8.10 24.90 -8.86
C ALA A 71 8.76 23.59 -8.43
N ILE A 72 8.03 22.48 -8.53
CA ILE A 72 8.58 21.17 -8.16
C ILE A 72 8.22 20.05 -9.15
N TRP A 73 9.09 19.05 -9.24
CA TRP A 73 8.85 17.91 -10.12
C TRP A 73 9.68 16.71 -9.65
N GLN A 74 9.26 15.54 -10.12
CA GLN A 74 9.92 14.28 -9.81
C GLN A 74 9.59 13.24 -10.88
N LEU A 75 10.52 12.32 -11.10
CA LEU A 75 10.36 11.24 -12.06
C LEU A 75 11.02 10.13 -11.23
N GLU A 76 10.25 9.10 -10.88
CA GLU A 76 10.79 7.99 -10.07
C GLU A 76 10.41 6.71 -10.79
N GLN A 77 11.35 5.78 -10.94
CA GLN A 77 11.07 4.53 -11.66
C GLN A 77 11.38 3.30 -10.86
N LYS A 78 10.64 2.23 -11.13
CA LYS A 78 10.93 0.96 -10.47
C LYS A 78 12.24 0.61 -11.13
N ALA A 79 13.21 0.14 -10.38
CA ALA A 79 14.46 -0.23 -10.98
C ALA A 79 14.64 -1.38 -9.99
N SER A 80 14.78 -2.59 -10.54
CA SER A 80 14.95 -3.79 -9.73
C SER A 80 16.29 -4.19 -10.26
N ILE A 81 17.20 -4.49 -9.35
CA ILE A 81 18.56 -4.89 -9.69
C ILE A 81 18.61 -6.29 -10.33
N ALA A 82 17.46 -6.95 -10.41
CA ALA A 82 17.36 -8.28 -11.02
C ALA A 82 17.04 -8.05 -12.49
N GLY A 83 16.86 -6.78 -12.83
CA GLY A 83 16.60 -6.41 -14.21
C GLY A 83 15.22 -6.68 -14.75
N THR A 84 14.23 -6.86 -13.88
CA THR A 84 12.89 -7.15 -14.34
C THR A 84 11.93 -5.99 -14.54
N ASN A 85 12.39 -4.76 -14.34
CA ASN A 85 11.52 -3.60 -14.55
C ASN A 85 11.90 -2.81 -15.80
N SER A 86 11.02 -1.92 -16.21
CA SER A 86 11.27 -1.08 -17.36
C SER A 86 10.23 0.03 -17.40
N GLY A 87 10.63 1.18 -17.89
CA GLY A 87 9.68 2.26 -17.97
C GLY A 87 10.08 3.41 -17.08
N TRP A 88 9.58 4.58 -17.42
CA TRP A 88 9.85 5.79 -16.69
C TRP A 88 8.62 6.19 -15.90
N GLY A 89 8.78 7.12 -14.96
CA GLY A 89 7.66 7.56 -14.16
C GLY A 89 6.63 6.53 -13.70
N ASN A 90 7.02 5.26 -13.48
CA ASN A 90 6.05 4.26 -13.03
C ASN A 90 5.91 4.15 -11.52
N ARG A 91 6.68 4.99 -10.84
CA ARG A 91 6.58 5.15 -9.40
C ARG A 91 6.18 6.62 -9.30
N GLN A 92 5.87 7.10 -8.10
CA GLN A 92 5.42 8.48 -8.04
C GLN A 92 6.28 9.43 -8.88
N SER A 93 5.63 10.19 -9.76
CA SER A 93 6.31 11.15 -10.62
C SER A 93 5.31 12.27 -10.80
N PHE A 94 5.76 13.51 -10.96
CA PHE A 94 4.78 14.59 -11.07
C PHE A 94 5.41 15.95 -11.29
N ILE A 95 4.56 16.94 -11.51
CA ILE A 95 4.95 18.33 -11.67
C ILE A 95 4.00 19.07 -10.73
N GLY A 96 4.52 20.05 -10.01
CA GLY A 96 3.65 20.76 -9.09
C GLY A 96 4.15 22.13 -8.70
N LEU A 97 3.36 22.81 -7.90
CA LEU A 97 3.71 24.14 -7.43
C LEU A 97 3.57 24.14 -5.92
N LYS A 98 4.51 24.79 -5.23
CA LYS A 98 4.47 24.83 -3.77
C LYS A 98 4.63 26.25 -3.29
N GLY A 99 4.01 26.58 -2.16
CA GLY A 99 4.14 27.94 -1.65
C GLY A 99 3.40 28.19 -0.34
N GLY A 100 2.87 29.41 -0.20
CA GLY A 100 2.15 29.73 1.02
C GLY A 100 0.99 28.78 1.24
N PHE A 101 0.11 28.70 0.24
CA PHE A 101 -1.08 27.85 0.25
C PHE A 101 -0.86 26.34 0.44
N GLY A 102 0.39 25.89 0.44
CA GLY A 102 0.65 24.47 0.57
C GLY A 102 1.07 23.95 -0.79
N THR A 103 0.86 22.66 -1.05
CA THR A 103 1.27 22.09 -2.33
C THR A 103 0.17 21.63 -3.31
N VAL A 104 0.46 21.72 -4.60
CA VAL A 104 -0.47 21.28 -5.63
C VAL A 104 0.31 20.45 -6.69
N ARG A 105 -0.02 19.16 -6.80
CA ARG A 105 0.67 18.27 -7.75
C ARG A 105 -0.25 17.52 -8.70
N ALA A 106 0.27 17.17 -9.87
CA ALA A 106 -0.51 16.46 -10.88
C ALA A 106 0.41 15.49 -11.61
N GLY A 107 -0.03 14.24 -11.72
CA GLY A 107 0.76 13.22 -12.38
C GLY A 107 0.48 11.86 -11.79
N ASN A 108 1.43 10.93 -11.91
CA ASN A 108 1.24 9.61 -11.35
C ASN A 108 1.49 10.04 -9.90
N LEU A 109 0.47 9.87 -9.07
CA LEU A 109 0.55 10.30 -7.68
C LEU A 109 0.14 9.24 -6.72
N ASN A 110 0.91 9.16 -5.63
CA ASN A 110 0.64 8.22 -4.55
C ASN A 110 -0.74 8.56 -4.02
N THR A 111 -1.55 7.54 -3.82
CA THR A 111 -2.91 7.72 -3.33
C THR A 111 -2.79 8.17 -1.85
N VAL A 112 -3.64 9.09 -1.39
CA VAL A 112 -3.56 9.55 0.00
C VAL A 112 -3.49 8.35 0.97
N LEU A 113 -4.10 7.24 0.57
CA LEU A 113 -4.09 6.02 1.36
C LEU A 113 -2.78 5.24 1.20
N LYS A 114 -2.08 5.47 0.10
CA LYS A 114 -0.81 4.79 -0.10
C LYS A 114 0.23 5.48 0.76
N ASP A 115 0.11 6.80 0.91
CA ASP A 115 1.03 7.56 1.74
C ASP A 115 0.86 7.15 3.20
N SER A 116 -0.39 7.05 3.65
CA SER A 116 -0.66 6.63 5.02
C SER A 116 -0.11 5.22 5.27
N GLY A 117 0.30 4.54 4.20
CA GLY A 117 0.82 3.19 4.31
C GLY A 117 2.16 3.14 5.04
N ASP A 118 2.86 4.27 5.11
CA ASP A 118 4.15 4.31 5.79
C ASP A 118 3.99 3.94 7.26
N ASN A 119 3.10 4.62 7.96
CA ASN A 119 2.84 4.35 9.37
C ASN A 119 2.27 2.92 9.61
N VAL A 120 1.75 2.26 8.58
CA VAL A 120 1.14 0.92 8.67
C VAL A 120 1.82 -0.39 8.20
N ASN A 121 2.73 -0.29 7.23
CA ASN A 121 3.45 -1.47 6.71
C ASN A 121 4.82 -0.85 6.43
N ALA A 122 5.83 -1.28 7.17
CA ALA A 122 7.14 -0.70 6.94
C ALA A 122 8.15 -1.77 6.52
N TRP A 123 7.67 -3.01 6.45
CA TRP A 123 8.51 -4.14 6.07
C TRP A 123 9.05 -4.12 4.63
N GLU A 124 10.24 -4.69 4.44
CA GLU A 124 10.85 -4.77 3.13
C GLU A 124 10.71 -6.21 2.73
N SER A 125 10.48 -6.47 1.44
CA SER A 125 10.31 -7.84 0.94
C SER A 125 10.21 -7.87 -0.58
N GLY A 126 10.30 -9.07 -1.14
CA GLY A 126 10.17 -9.22 -2.58
C GLY A 126 8.68 -9.23 -2.83
N SER A 127 8.24 -9.17 -4.09
CA SER A 127 6.82 -9.17 -4.37
C SER A 127 6.15 -10.53 -4.09
N ASN A 128 6.86 -11.62 -4.35
CA ASN A 128 6.27 -12.95 -4.10
C ASN A 128 5.96 -13.17 -2.63
N THR A 129 6.32 -12.21 -1.79
CA THR A 129 6.09 -12.33 -0.36
C THR A 129 5.54 -11.05 0.28
N GLU A 130 5.06 -10.12 -0.53
CA GLU A 130 4.53 -8.88 0.02
C GLU A 130 3.44 -9.17 1.07
N ASP A 131 2.80 -10.34 1.00
CA ASP A 131 1.73 -10.68 1.94
C ASP A 131 2.05 -11.37 3.26
N VAL A 132 3.15 -12.10 3.30
CA VAL A 132 3.54 -12.80 4.52
C VAL A 132 4.67 -12.08 5.25
N LEU A 133 5.54 -11.43 4.48
CA LEU A 133 6.68 -10.71 5.04
C LEU A 133 6.39 -9.21 5.11
N GLY A 134 5.14 -8.85 4.88
CA GLY A 134 4.74 -7.46 4.94
C GLY A 134 3.25 -7.50 5.12
N LEU A 135 2.66 -6.41 5.59
CA LEU A 135 1.22 -6.38 5.77
C LEU A 135 0.97 -5.92 4.34
N GLY A 136 0.62 -6.88 3.50
CA GLY A 136 0.39 -6.61 2.10
C GLY A 136 -1.11 -6.63 1.97
N THR A 137 -1.73 -7.56 2.67
CA THR A 137 -3.18 -7.65 2.61
C THR A 137 -3.90 -6.35 2.96
N ILE A 138 -3.46 -5.63 3.99
CA ILE A 138 -4.14 -4.38 4.35
C ILE A 138 -3.72 -3.27 3.39
N GLY A 139 -2.59 -3.47 2.74
CA GLY A 139 -2.10 -2.49 1.79
C GLY A 139 -2.72 -2.70 0.42
N ARG A 140 -3.57 -3.72 0.27
CA ARG A 140 -4.23 -3.99 -1.01
C ARG A 140 -5.09 -2.79 -1.52
N VAL A 141 -5.39 -1.82 -0.66
CA VAL A 141 -6.21 -0.66 -1.06
C VAL A 141 -5.36 0.53 -1.52
N GLU A 142 -4.04 0.38 -1.39
CA GLU A 142 -3.13 1.44 -1.78
C GLU A 142 -2.75 1.32 -3.24
N SER A 143 -2.53 2.46 -3.88
CA SER A 143 -2.14 2.49 -5.28
C SER A 143 -1.65 3.87 -5.69
N ARG A 144 -1.35 4.00 -6.98
CA ARG A 144 -0.93 5.26 -7.58
C ARG A 144 -1.97 5.51 -8.66
N GLU A 145 -2.34 6.77 -8.88
CA GLU A 145 -3.36 7.10 -9.87
C GLU A 145 -3.01 8.40 -10.57
N ILE A 146 -3.24 8.48 -11.89
CA ILE A 146 -2.99 9.74 -12.60
C ILE A 146 -4.04 10.61 -11.92
N SER A 147 -3.64 11.77 -11.41
CA SER A 147 -4.57 12.60 -10.67
C SER A 147 -3.98 13.92 -10.22
N VAL A 148 -4.82 14.77 -9.64
CA VAL A 148 -4.41 16.05 -9.09
C VAL A 148 -4.45 15.92 -7.57
N ARG A 149 -3.55 16.58 -6.87
CA ARG A 149 -3.56 16.46 -5.43
C ARG A 149 -3.11 17.72 -4.73
N TYR A 150 -3.86 18.05 -3.67
CA TYR A 150 -3.57 19.22 -2.87
C TYR A 150 -3.14 18.77 -1.47
N ASP A 151 -2.07 19.38 -0.99
CA ASP A 151 -1.55 19.08 0.33
C ASP A 151 -1.44 20.37 1.10
N SER A 152 -2.26 20.48 2.13
CA SER A 152 -2.27 21.67 2.98
C SER A 152 -1.05 21.75 3.88
N PRO A 153 -0.63 22.97 4.22
CA PRO A 153 0.53 23.21 5.08
C PRO A 153 0.18 22.63 6.45
N VAL A 154 1.18 22.48 7.31
CA VAL A 154 0.86 21.96 8.63
C VAL A 154 0.44 23.18 9.42
N PHE A 155 -0.82 23.26 9.84
CA PHE A 155 -1.22 24.40 10.64
C PHE A 155 -1.24 23.86 12.06
N ALA A 156 -0.10 23.96 12.71
CA ALA A 156 0.10 23.54 14.11
C ALA A 156 -0.34 22.19 14.68
N GLY A 157 0.02 21.10 14.03
CA GLY A 157 -0.35 19.78 14.50
C GLY A 157 -1.07 19.15 13.33
N PHE A 158 -1.92 19.95 12.68
CA PHE A 158 -2.71 19.47 11.54
C PHE A 158 -2.18 19.80 10.15
N SER A 159 -2.43 18.88 9.23
CA SER A 159 -2.08 19.01 7.81
C SER A 159 -3.19 18.23 7.12
N GLY A 160 -3.42 18.48 5.84
CA GLY A 160 -4.50 17.77 5.15
C GLY A 160 -4.23 17.50 3.69
N SER A 161 -4.86 16.46 3.14
CA SER A 161 -4.66 16.10 1.73
C SER A 161 -5.96 15.75 1.04
N VAL A 162 -6.15 16.29 -0.16
CA VAL A 162 -7.35 16.00 -0.95
C VAL A 162 -6.88 15.59 -2.36
N GLN A 163 -7.42 14.48 -2.87
CA GLN A 163 -7.01 14.01 -4.19
C GLN A 163 -8.20 13.61 -5.07
N TYR A 164 -8.02 13.69 -6.38
CA TYR A 164 -9.09 13.34 -7.32
C TYR A 164 -8.63 12.73 -8.67
N VAL A 165 -9.33 11.68 -9.11
CA VAL A 165 -9.01 10.99 -10.37
C VAL A 165 -10.10 11.12 -11.43
N PRO A 166 -9.81 11.82 -12.53
CA PRO A 166 -10.81 11.98 -13.58
C PRO A 166 -11.40 10.72 -14.20
N ARG A 167 -12.67 10.81 -14.56
CA ARG A 167 -13.42 9.73 -15.18
C ARG A 167 -12.70 9.34 -16.45
N ASP A 168 -12.17 10.36 -17.13
CA ASP A 168 -11.47 10.15 -18.38
C ASP A 168 -10.00 9.79 -18.26
N ASN A 169 -9.57 9.63 -17.02
CA ASN A 169 -8.21 9.23 -16.71
C ASN A 169 -8.36 7.89 -16.02
N ALA A 170 -9.58 7.60 -15.56
CA ALA A 170 -9.90 6.35 -14.87
C ALA A 170 -10.45 5.41 -15.94
N ASN A 171 -10.72 5.97 -17.12
CA ASN A 171 -11.20 5.22 -18.27
C ASN A 171 -10.89 6.22 -19.38
N ASP A 172 -10.06 5.79 -20.32
CA ASP A 172 -9.66 6.67 -21.43
C ASP A 172 -10.43 6.36 -22.69
N VAL A 173 -10.63 5.08 -22.97
CA VAL A 173 -11.36 4.64 -24.17
C VAL A 173 -12.77 5.26 -24.23
N ASP A 174 -13.43 5.36 -23.08
CA ASP A 174 -14.78 5.90 -22.98
C ASP A 174 -14.89 7.44 -22.92
N LYS A 175 -13.79 8.13 -23.22
CA LYS A 175 -13.71 9.60 -23.23
C LYS A 175 -14.88 10.35 -23.86
N TYR A 176 -15.19 9.96 -25.10
CA TYR A 176 -16.23 10.56 -25.94
C TYR A 176 -17.64 9.97 -25.90
N LYS A 177 -17.76 8.72 -25.48
CA LYS A 177 -19.07 8.11 -25.34
C LYS A 177 -19.12 7.92 -23.85
N HIS A 178 -20.05 8.59 -23.19
CA HIS A 178 -20.13 8.33 -21.77
C HIS A 178 -21.25 7.27 -21.81
N THR A 179 -20.83 6.01 -21.77
CA THR A 179 -21.74 4.86 -21.89
C THR A 179 -21.41 3.96 -20.74
N LYS A 180 -20.25 4.18 -20.13
CA LYS A 180 -19.85 3.44 -18.94
C LYS A 180 -19.86 4.43 -17.76
N SER A 181 -20.38 4.00 -16.61
CA SER A 181 -20.44 4.87 -15.44
C SER A 181 -19.03 5.22 -14.93
N SER A 182 -18.88 6.48 -14.51
CA SER A 182 -17.62 7.02 -14.01
C SER A 182 -16.93 6.24 -12.91
N ARG A 183 -15.63 6.02 -13.12
CA ARG A 183 -14.76 5.32 -12.18
C ARG A 183 -13.90 6.39 -11.51
N GLU A 184 -14.31 7.65 -11.69
CA GLU A 184 -13.60 8.79 -11.10
C GLU A 184 -13.71 8.61 -9.60
N SER A 185 -12.63 8.87 -8.87
CA SER A 185 -12.65 8.69 -7.42
C SER A 185 -12.04 9.86 -6.68
N TYR A 186 -12.35 9.95 -5.38
CA TYR A 186 -11.84 11.00 -4.49
C TYR A 186 -11.11 10.38 -3.33
N HIS A 187 -9.90 10.88 -3.06
CA HIS A 187 -9.07 10.39 -1.96
C HIS A 187 -8.79 11.59 -1.08
N ALA A 188 -8.85 11.40 0.23
CA ALA A 188 -8.63 12.52 1.13
C ALA A 188 -8.11 12.03 2.46
N GLY A 189 -7.23 12.83 3.05
CA GLY A 189 -6.68 12.47 4.33
C GLY A 189 -6.50 13.66 5.25
N LEU A 190 -6.42 13.37 6.54
CA LEU A 190 -6.25 14.39 7.56
C LEU A 190 -5.25 13.86 8.58
N LYS A 191 -4.16 14.59 8.81
CA LYS A 191 -3.16 14.13 9.76
C LYS A 191 -2.96 15.05 10.98
N TYR A 192 -2.31 14.52 12.01
CA TYR A 192 -2.00 15.26 13.23
C TYR A 192 -0.70 14.72 13.85
N GLU A 193 0.30 15.58 14.03
CA GLU A 193 1.56 15.16 14.62
C GLU A 193 1.88 16.09 15.77
N ASN A 194 2.44 15.55 16.86
CA ASN A 194 2.79 16.37 18.01
C ASN A 194 3.46 15.56 19.11
N ALA A 195 4.51 16.15 19.70
CA ALA A 195 5.27 15.54 20.77
C ALA A 195 5.40 14.02 20.60
N GLY A 196 5.80 13.56 19.42
CA GLY A 196 5.91 12.14 19.15
C GLY A 196 4.58 11.51 18.77
N PHE A 197 3.49 12.19 19.15
CA PHE A 197 2.15 11.70 18.86
C PHE A 197 1.65 12.02 17.46
N PHE A 198 0.89 11.09 16.90
CA PHE A 198 0.32 11.27 15.58
C PHE A 198 -0.92 10.42 15.43
N GLY A 199 -1.81 10.88 14.55
CA GLY A 199 -3.05 10.18 14.31
C GLY A 199 -3.59 10.70 13.00
N GLN A 200 -3.93 9.79 12.11
CA GLN A 200 -4.41 10.23 10.81
C GLN A 200 -5.57 9.40 10.32
N TYR A 201 -6.38 10.03 9.48
CA TYR A 201 -7.52 9.39 8.87
C TYR A 201 -7.24 9.50 7.38
N ALA A 202 -7.54 8.46 6.63
CA ALA A 202 -7.32 8.50 5.20
C ALA A 202 -8.35 7.58 4.59
N GLY A 203 -8.88 7.96 3.45
CA GLY A 203 -9.87 7.14 2.80
C GLY A 203 -10.05 7.54 1.35
N SER A 204 -10.93 6.81 0.66
CA SER A 204 -11.22 7.09 -0.73
C SER A 204 -12.63 6.65 -1.03
N PHE A 205 -13.23 7.22 -2.06
CA PHE A 205 -14.59 6.85 -2.42
C PHE A 205 -14.76 7.00 -3.92
N ALA A 206 -15.41 6.02 -4.54
CA ALA A 206 -15.66 6.03 -5.98
C ALA A 206 -17.09 5.50 -6.17
N LYS A 207 -17.94 6.26 -6.86
CA LYS A 207 -19.31 5.81 -7.04
C LYS A 207 -19.31 4.49 -7.79
N TYR A 208 -18.41 4.38 -8.77
CA TYR A 208 -18.30 3.14 -9.53
C TYR A 208 -16.82 2.79 -9.57
N ALA A 209 -16.51 1.51 -9.40
CA ALA A 209 -15.14 1.00 -9.41
C ALA A 209 -15.23 -0.46 -9.83
N ASP A 210 -14.12 -1.19 -9.77
CA ASP A 210 -14.09 -2.61 -10.14
C ASP A 210 -13.03 -3.32 -9.30
N LEU A 211 -13.33 -4.50 -8.79
CA LEU A 211 -12.40 -5.26 -7.96
C LEU A 211 -12.08 -6.63 -8.53
N ASN A 212 -10.92 -7.17 -8.17
CA ASN A 212 -10.57 -8.52 -8.62
C ASN A 212 -10.93 -9.35 -7.40
N THR A 213 -10.76 -10.66 -7.42
CA THR A 213 -11.14 -11.44 -6.25
C THR A 213 -10.30 -11.30 -4.97
N ASP A 214 -9.20 -10.57 -5.05
CA ASP A 214 -8.35 -10.32 -3.89
C ASP A 214 -8.79 -8.98 -3.28
N ALA A 215 -9.87 -8.44 -3.81
CA ALA A 215 -10.43 -7.17 -3.36
C ALA A 215 -9.62 -5.92 -3.74
N GLU A 216 -8.67 -6.08 -4.66
CA GLU A 216 -7.88 -4.93 -5.09
C GLU A 216 -8.59 -4.28 -6.27
N ARG A 217 -8.44 -2.96 -6.40
CA ARG A 217 -9.08 -2.23 -7.49
C ARG A 217 -8.38 -2.53 -8.84
N VAL A 218 -9.15 -2.67 -9.93
CA VAL A 218 -8.55 -2.95 -11.24
C VAL A 218 -9.19 -2.10 -12.33
N ALA A 219 -8.48 -1.94 -13.44
CA ALA A 219 -8.98 -1.15 -14.55
C ALA A 219 -10.29 -1.70 -15.08
N VAL A 220 -11.20 -0.81 -15.47
CA VAL A 220 -12.49 -1.24 -16.02
C VAL A 220 -12.16 -2.20 -17.18
N ASN A 221 -12.88 -3.31 -17.26
CA ASN A 221 -12.69 -4.27 -18.33
C ASN A 221 -11.52 -5.24 -18.26
N THR A 222 -11.03 -5.50 -17.06
CA THR A 222 -9.90 -6.41 -16.89
C THR A 222 -10.55 -7.78 -16.81
N ALA A 223 -9.85 -8.83 -17.24
CA ALA A 223 -10.45 -10.15 -17.18
C ALA A 223 -10.83 -10.53 -15.76
N ASN A 224 -12.12 -10.82 -15.59
CA ASN A 224 -12.67 -11.23 -14.31
C ASN A 224 -12.74 -10.14 -13.24
N ALA A 225 -12.89 -8.89 -13.64
CA ALA A 225 -13.02 -7.83 -12.65
C ALA A 225 -14.51 -7.86 -12.32
N HIS A 226 -14.87 -7.46 -11.11
CA HIS A 226 -16.28 -7.44 -10.71
C HIS A 226 -16.68 -5.97 -10.47
N PRO A 227 -17.53 -5.40 -11.35
CA PRO A 227 -17.94 -3.99 -11.16
C PRO A 227 -18.61 -3.79 -9.80
N VAL A 228 -18.42 -2.61 -9.21
CA VAL A 228 -19.02 -2.30 -7.91
C VAL A 228 -19.52 -0.87 -7.86
N LYS A 229 -20.39 -0.59 -6.90
CA LYS A 229 -20.96 0.74 -6.76
C LYS A 229 -20.61 1.24 -5.37
N ASP A 230 -20.52 2.54 -5.21
CA ASP A 230 -20.20 3.16 -3.94
C ASP A 230 -19.03 2.57 -3.15
N TYR A 231 -17.94 2.27 -3.85
CA TYR A 231 -16.75 1.72 -3.22
C TYR A 231 -16.05 2.74 -2.34
N GLN A 232 -15.93 2.44 -1.04
CA GLN A 232 -15.27 3.36 -0.11
C GLN A 232 -14.33 2.66 0.85
N VAL A 233 -13.21 3.31 1.14
CA VAL A 233 -12.20 2.77 2.05
C VAL A 233 -11.89 3.78 3.16
N HIS A 234 -11.79 3.29 4.40
CA HIS A 234 -11.49 4.13 5.56
C HIS A 234 -10.35 3.58 6.36
N ARG A 235 -9.37 4.42 6.61
CA ARG A 235 -8.25 3.99 7.40
C ARG A 235 -8.06 4.99 8.49
N VAL A 236 -7.56 4.48 9.61
CA VAL A 236 -7.29 5.26 10.80
C VAL A 236 -6.08 4.63 11.48
N VAL A 237 -5.01 5.42 11.61
CA VAL A 237 -3.78 4.96 12.25
C VAL A 237 -3.43 5.98 13.32
N ALA A 238 -2.79 5.52 14.39
CA ALA A 238 -2.41 6.41 15.47
C ALA A 238 -1.27 5.79 16.24
N GLY A 239 -0.45 6.62 16.86
CA GLY A 239 0.67 6.05 17.57
C GLY A 239 1.73 7.05 17.97
N TYR A 240 2.87 6.52 18.34
CA TYR A 240 3.96 7.35 18.84
C TYR A 240 5.34 7.06 18.33
N ASP A 241 5.91 7.97 17.55
CA ASP A 241 7.25 7.82 17.00
C ASP A 241 8.36 8.83 17.36
N ALA A 242 9.17 8.50 18.36
CA ALA A 242 10.28 9.31 18.83
C ALA A 242 10.87 8.59 20.02
N ASN A 243 12.04 9.03 20.50
CA ASN A 243 12.67 8.41 21.67
C ASN A 243 13.01 6.94 21.41
N ASP A 244 13.63 6.64 20.28
CA ASP A 244 13.96 5.25 19.96
C ASP A 244 12.65 4.49 20.17
N LEU A 245 11.52 5.07 19.77
CA LEU A 245 10.26 4.40 20.01
C LEU A 245 9.12 4.57 19.01
N TYR A 246 8.49 3.44 18.66
CA TYR A 246 7.40 3.40 17.71
C TYR A 246 6.34 2.35 18.01
N VAL A 247 5.08 2.77 18.04
CA VAL A 247 3.93 1.86 18.24
C VAL A 247 2.84 2.47 17.38
N SER A 248 2.31 1.66 16.47
CA SER A 248 1.29 2.12 15.55
C SER A 248 0.10 1.16 15.50
N VAL A 249 -1.10 1.72 15.42
CA VAL A 249 -2.32 0.91 15.35
C VAL A 249 -3.18 1.44 14.22
N ALA A 250 -3.57 0.53 13.32
CA ALA A 250 -4.39 0.91 12.19
C ALA A 250 -5.70 0.13 12.12
N GLY A 251 -6.73 0.84 11.68
CA GLY A 251 -8.03 0.24 11.53
C GLY A 251 -8.51 0.59 10.13
N GLN A 252 -8.94 -0.41 9.37
CA GLN A 252 -9.40 -0.17 8.01
C GLN A 252 -10.77 -0.77 7.72
N TYR A 253 -11.57 -0.05 6.93
CA TYR A 253 -12.90 -0.53 6.56
C TYR A 253 -13.20 -0.33 5.07
N GLU A 254 -13.43 -1.45 4.37
CA GLU A 254 -13.71 -1.42 2.95
C GLU A 254 -15.14 -1.88 2.72
N ALA A 255 -15.80 -1.33 1.70
CA ALA A 255 -17.19 -1.70 1.41
C ALA A 255 -17.63 -1.23 0.03
N ALA A 256 -18.55 -1.99 -0.58
CA ALA A 256 -19.06 -1.67 -1.91
C ALA A 256 -20.30 -2.50 -2.19
N LYS A 257 -21.05 -2.11 -3.22
CA LYS A 257 -22.26 -2.83 -3.63
C LYS A 257 -21.95 -3.54 -4.94
N ASN A 258 -22.69 -4.61 -5.21
CA ASN A 258 -22.52 -5.40 -6.43
C ASN A 258 -23.15 -4.78 -7.69
N ASN A 259 -22.35 -4.56 -8.70
CA ASN A 259 -22.89 -3.96 -9.90
C ASN A 259 -22.88 -4.87 -11.15
N GLU A 260 -22.15 -5.97 -11.05
CA GLU A 260 -22.08 -6.96 -12.10
C GLU A 260 -23.44 -7.41 -12.62
N VAL A 261 -23.46 -7.66 -13.91
CA VAL A 261 -24.62 -8.20 -14.57
C VAL A 261 -25.21 -9.45 -13.91
N GLY A 262 -26.52 -9.36 -13.65
CA GLY A 262 -27.29 -10.53 -13.27
C GLY A 262 -27.97 -10.84 -11.97
N SER A 263 -28.59 -9.86 -11.34
CA SER A 263 -29.31 -10.10 -10.09
C SER A 263 -28.56 -10.41 -8.80
N ILE A 264 -27.30 -10.03 -8.73
CA ILE A 264 -26.57 -10.22 -7.48
C ILE A 264 -26.32 -8.76 -7.15
N LYS A 265 -26.54 -7.96 -8.18
CA LYS A 265 -26.38 -6.51 -8.15
C LYS A 265 -27.12 -5.90 -6.98
N GLY A 266 -26.52 -4.88 -6.36
CA GLY A 266 -27.14 -4.22 -5.24
C GLY A 266 -26.78 -4.83 -3.89
N LYS A 267 -26.21 -6.04 -3.91
CA LYS A 267 -25.83 -6.73 -2.68
C LYS A 267 -24.50 -6.24 -2.12
N LYS A 268 -24.44 -6.15 -0.79
CA LYS A 268 -23.29 -5.63 -0.06
C LYS A 268 -22.03 -6.47 0.14
N HIS A 269 -20.90 -5.81 -0.11
CA HIS A 269 -19.56 -6.38 0.09
C HIS A 269 -18.93 -5.50 1.20
N GLU A 270 -18.14 -6.10 2.08
CA GLU A 270 -17.49 -5.32 3.12
C GLU A 270 -16.50 -6.16 3.89
N GLN A 271 -15.41 -5.53 4.34
CA GLN A 271 -14.40 -6.22 5.16
C GLN A 271 -13.61 -5.26 6.01
N THR A 272 -13.24 -5.73 7.19
CA THR A 272 -12.51 -4.91 8.14
C THR A 272 -11.20 -5.55 8.53
N GLN A 273 -10.17 -4.71 8.54
CA GLN A 273 -8.83 -5.12 8.89
C GLN A 273 -8.28 -4.22 9.95
N VAL A 274 -7.42 -4.78 10.78
CA VAL A 274 -6.78 -4.01 11.83
C VAL A 274 -5.33 -4.46 11.83
N ALA A 275 -4.42 -3.56 12.17
CA ALA A 275 -3.01 -3.93 12.18
C ALA A 275 -2.34 -3.19 13.33
N ALA A 276 -1.28 -3.78 13.86
CA ALA A 276 -0.56 -3.14 14.96
C ALA A 276 0.91 -3.53 14.87
N THR A 277 1.77 -2.53 15.05
CA THR A 277 3.21 -2.73 14.97
C THR A 277 3.91 -1.80 15.96
N ALA A 278 4.98 -2.31 16.57
CA ALA A 278 5.75 -1.50 17.50
C ALA A 278 7.17 -1.95 17.42
N ALA A 279 8.08 -1.03 17.73
CA ALA A 279 9.50 -1.31 17.70
C ALA A 279 10.31 -0.25 18.44
N TYR A 280 11.53 -0.60 18.82
CA TYR A 280 12.39 0.33 19.54
C TYR A 280 13.82 0.23 19.04
N ARG A 281 14.52 1.35 19.06
CA ARG A 281 15.91 1.32 18.64
C ARG A 281 16.79 1.19 19.85
N PHE A 282 17.57 0.12 19.84
CA PHE A 282 18.53 -0.18 20.87
C PHE A 282 19.83 0.00 20.08
N GLY A 283 20.37 1.21 20.14
CA GLY A 283 21.59 1.51 19.41
C GLY A 283 21.24 1.24 17.97
N ASN A 284 22.16 0.69 17.21
CA ASN A 284 21.96 0.37 15.80
C ASN A 284 20.92 -0.68 15.40
N VAL A 285 20.43 -1.44 16.37
CA VAL A 285 19.41 -2.42 16.08
C VAL A 285 18.06 -1.82 16.39
N THR A 286 17.07 -2.25 15.63
CA THR A 286 15.73 -1.78 15.79
C THR A 286 14.99 -3.08 15.61
N PRO A 287 14.54 -3.69 16.73
CA PRO A 287 13.80 -4.93 16.48
C PRO A 287 12.39 -4.44 16.31
N ARG A 288 11.60 -5.18 15.56
CA ARG A 288 10.22 -4.79 15.27
C ARG A 288 9.27 -5.97 15.31
N VAL A 289 7.99 -5.68 15.51
CA VAL A 289 6.97 -6.72 15.48
C VAL A 289 5.62 -6.15 15.03
N SER A 290 4.89 -6.96 14.27
CA SER A 290 3.60 -6.57 13.72
C SER A 290 2.56 -7.67 13.77
N TYR A 291 1.32 -7.27 14.04
CA TYR A 291 0.22 -8.21 14.05
C TYR A 291 -0.83 -7.57 13.14
N ALA A 292 -1.56 -8.42 12.42
CA ALA A 292 -2.59 -7.94 11.52
C ALA A 292 -3.71 -8.96 11.42
N HIS A 293 -4.94 -8.47 11.31
CA HIS A 293 -6.07 -9.37 11.22
C HIS A 293 -7.11 -8.86 10.23
N GLY A 294 -7.64 -9.78 9.44
CA GLY A 294 -8.68 -9.43 8.49
C GLY A 294 -9.86 -10.22 8.96
N PHE A 295 -10.97 -9.55 9.26
CA PHE A 295 -12.14 -10.26 9.73
C PHE A 295 -12.85 -11.00 8.61
N LYS A 296 -13.87 -11.77 8.96
CA LYS A 296 -14.66 -12.47 7.95
C LYS A 296 -15.23 -11.40 7.03
N ALA A 297 -15.47 -11.75 5.77
CA ALA A 297 -16.00 -10.75 4.86
C ALA A 297 -17.43 -11.04 4.47
N LYS A 298 -18.16 -9.98 4.10
CA LYS A 298 -19.53 -10.15 3.64
C LYS A 298 -19.46 -9.94 2.13
N VAL A 299 -19.72 -10.98 1.35
CA VAL A 299 -19.69 -10.87 -0.10
C VAL A 299 -21.08 -11.17 -0.66
N ASN A 300 -21.66 -10.19 -1.33
CA ASN A 300 -23.01 -10.30 -1.87
C ASN A 300 -23.94 -10.59 -0.70
N GLY A 301 -23.71 -9.89 0.41
CA GLY A 301 -24.52 -10.05 1.61
C GLY A 301 -24.23 -11.24 2.51
N VAL A 302 -23.30 -12.11 2.11
CA VAL A 302 -23.01 -13.31 2.90
C VAL A 302 -21.62 -13.42 3.55
N LYS A 303 -21.57 -13.70 4.85
CA LYS A 303 -20.28 -13.87 5.52
C LYS A 303 -19.46 -14.91 4.78
N ASP A 304 -18.31 -14.48 4.27
CA ASP A 304 -17.39 -15.36 3.56
C ASP A 304 -16.10 -15.37 4.38
N ALA A 305 -15.81 -16.51 5.02
CA ALA A 305 -14.62 -16.66 5.83
C ALA A 305 -13.36 -16.95 5.02
N ASN A 306 -13.49 -16.91 3.69
CA ASN A 306 -12.35 -17.11 2.83
C ASN A 306 -11.44 -15.86 2.91
N TYR A 307 -12.04 -14.71 3.18
CA TYR A 307 -11.29 -13.46 3.27
C TYR A 307 -10.70 -13.09 4.63
N GLN A 308 -10.97 -13.91 5.63
CA GLN A 308 -10.46 -13.67 6.97
C GLN A 308 -9.02 -14.19 7.08
N TYR A 309 -8.16 -13.48 7.81
CA TYR A 309 -6.78 -13.93 7.95
C TYR A 309 -6.11 -13.43 9.21
N ASP A 310 -4.93 -13.98 9.48
CA ASP A 310 -4.14 -13.65 10.64
C ASP A 310 -2.70 -13.60 10.25
N GLN A 311 -2.01 -12.54 10.64
CA GLN A 311 -0.58 -12.49 10.36
C GLN A 311 0.21 -11.74 11.42
N VAL A 312 1.38 -12.29 11.73
CA VAL A 312 2.30 -11.71 12.70
C VAL A 312 3.68 -11.72 12.04
N ILE A 313 4.38 -10.60 12.12
CA ILE A 313 5.72 -10.52 11.54
C ILE A 313 6.67 -9.97 12.61
N VAL A 314 7.85 -10.56 12.71
CA VAL A 314 8.83 -10.10 13.68
C VAL A 314 10.12 -9.90 12.90
N GLY A 315 10.99 -9.03 13.40
CA GLY A 315 12.24 -8.80 12.71
C GLY A 315 12.93 -7.58 13.24
N ALA A 316 14.12 -7.29 12.70
CA ALA A 316 14.88 -6.12 13.11
C ALA A 316 15.75 -5.65 11.95
N ASP A 317 16.30 -4.44 12.09
CA ASP A 317 17.21 -3.86 11.10
C ASP A 317 18.48 -3.42 11.82
N TYR A 318 19.64 -3.84 11.33
CA TYR A 318 20.86 -3.36 11.95
C TYR A 318 21.38 -2.23 11.04
N ASP A 319 21.36 -1.01 11.56
CA ASP A 319 21.81 0.17 10.81
C ASP A 319 23.33 0.34 10.70
N PHE A 320 23.90 -0.03 9.57
CA PHE A 320 25.33 0.11 9.32
C PHE A 320 25.70 1.59 9.29
N SER A 321 24.71 2.40 8.92
CA SER A 321 24.86 3.86 8.82
C SER A 321 23.46 4.40 8.52
N LYS A 322 23.29 5.71 8.45
CA LYS A 322 21.97 6.30 8.15
C LYS A 322 21.35 5.98 6.77
N ARG A 323 22.14 5.42 5.87
CA ARG A 323 21.63 5.08 4.56
C ARG A 323 21.72 3.59 4.29
N THR A 324 22.47 2.87 5.11
CA THR A 324 22.63 1.43 4.91
C THR A 324 22.13 0.60 6.08
N SER A 325 21.32 -0.40 5.80
CA SER A 325 20.79 -1.29 6.83
C SER A 325 20.89 -2.73 6.37
N ALA A 326 20.90 -3.64 7.34
CA ALA A 326 20.92 -5.08 7.11
C ALA A 326 19.50 -5.40 7.58
N LEU A 327 18.83 -6.39 7.00
CA LEU A 327 17.45 -6.67 7.41
C LEU A 327 17.21 -8.16 7.69
N VAL A 328 16.21 -8.45 8.52
CA VAL A 328 15.83 -9.82 8.86
C VAL A 328 14.38 -9.82 9.32
N SER A 329 13.66 -10.87 8.96
CA SER A 329 12.27 -11.02 9.36
C SER A 329 11.73 -12.38 9.01
N ALA A 330 10.70 -12.76 9.76
CA ALA A 330 9.99 -14.02 9.59
C ALA A 330 8.54 -13.56 9.67
N GLY A 331 7.64 -14.30 9.03
CA GLY A 331 6.26 -13.89 9.07
C GLY A 331 5.40 -15.10 8.91
N TRP A 332 4.20 -14.99 9.45
CA TRP A 332 3.32 -16.11 9.37
C TRP A 332 1.97 -15.57 9.01
N LEU A 333 1.28 -16.31 8.15
CA LEU A 333 -0.01 -15.86 7.67
C LEU A 333 -1.00 -17.01 7.58
N LYS A 334 -2.24 -16.77 7.99
CA LYS A 334 -3.30 -17.79 7.88
C LYS A 334 -4.49 -17.12 7.18
N GLN A 335 -4.95 -17.74 6.09
CA GLN A 335 -6.08 -17.20 5.30
C GLN A 335 -7.25 -18.18 5.21
N GLY A 336 -8.47 -17.65 5.25
CA GLY A 336 -9.66 -18.51 5.17
C GLY A 336 -9.77 -19.48 6.33
N LYS A 337 -10.76 -20.37 6.27
CA LYS A 337 -11.00 -21.36 7.34
C LYS A 337 -11.22 -22.79 6.88
N GLY A 338 -11.22 -23.68 7.86
CA GLY A 338 -11.47 -25.09 7.64
C GLY A 338 -10.60 -25.81 6.64
N ALA A 339 -11.25 -26.31 5.59
CA ALA A 339 -10.60 -27.07 4.53
C ALA A 339 -9.99 -26.25 3.39
N GLY A 340 -10.42 -25.01 3.21
CA GLY A 340 -9.87 -24.19 2.14
C GLY A 340 -8.68 -23.40 2.64
N LYS A 341 -8.34 -23.64 3.90
CA LYS A 341 -7.23 -23.01 4.64
C LYS A 341 -5.92 -22.90 3.86
N VAL A 342 -5.35 -21.69 3.84
CA VAL A 342 -4.05 -21.45 3.20
C VAL A 342 -3.14 -20.81 4.24
N GLU A 343 -2.00 -21.46 4.51
CA GLU A 343 -1.03 -20.96 5.48
C GLU A 343 0.30 -20.68 4.77
N GLN A 344 0.85 -19.49 4.99
CA GLN A 344 2.14 -19.10 4.40
C GLN A 344 3.12 -18.75 5.51
N THR A 345 4.37 -19.16 5.33
CA THR A 345 5.41 -18.86 6.29
C THR A 345 6.68 -18.54 5.53
N ALA A 346 7.29 -17.40 5.85
CA ALA A 346 8.52 -17.00 5.17
C ALA A 346 9.43 -16.27 6.13
N SER A 347 10.69 -16.11 5.72
CA SER A 347 11.68 -15.39 6.51
C SER A 347 12.74 -14.93 5.52
N MET A 348 13.40 -13.84 5.82
CA MET A 348 14.43 -13.35 4.91
C MET A 348 15.51 -12.61 5.63
N VAL A 349 16.55 -12.28 4.88
CA VAL A 349 17.68 -11.50 5.40
C VAL A 349 18.10 -10.75 4.15
N GLY A 350 18.27 -9.42 4.24
CA GLY A 350 18.63 -8.68 3.06
C GLY A 350 19.50 -7.49 3.33
N LEU A 351 19.47 -6.53 2.41
CA LEU A 351 20.27 -5.32 2.52
C LEU A 351 19.65 -4.17 1.75
N ARG A 352 19.67 -2.97 2.35
CA ARG A 352 19.11 -1.77 1.75
C ARG A 352 20.12 -0.63 1.81
N HIS A 353 20.20 0.15 0.73
CA HIS A 353 21.10 1.28 0.67
C HIS A 353 20.43 2.47 0.00
N LYS A 354 20.13 3.49 0.79
CA LYS A 354 19.48 4.69 0.30
C LYS A 354 20.54 5.66 -0.16
N PHE A 355 20.26 6.37 -1.25
CA PHE A 355 21.17 7.37 -1.80
C PHE A 355 20.42 8.62 -2.26
PG ANP B . 7.65 6.79 -0.88
O1G ANP B . 6.62 5.76 -1.29
O2G ANP B . 8.03 7.73 -1.99
O3G ANP B . 7.34 7.48 0.41
PB ANP B . 9.34 4.32 -1.25
O1B ANP B . 10.79 4.19 -1.63
O2B ANP B . 8.31 4.15 -2.33
N3B ANP B . 9.09 5.88 -0.51
PA ANP B . 7.59 2.77 0.33
O1A ANP B . 7.68 1.45 1.06
O2A ANP B . 6.97 3.96 1.03
O3A ANP B . 9.07 3.19 -0.13
O5' ANP B . 6.81 2.53 -1.05
C5' ANP B . 5.70 1.65 -1.11
C4' ANP B . 6.17 0.24 -0.83
O4' ANP B . 5.11 -0.70 -1.09
C3' ANP B . 7.34 -0.13 -1.71
O3' ANP B . 8.56 -0.23 -0.97
C2' ANP B . 6.99 -1.47 -2.33
O2' ANP B . 7.68 -2.52 -1.63
C1' ANP B . 5.49 -1.61 -2.12
N9 ANP B . 4.81 -1.24 -3.38
C8 ANP B . 4.95 -0.07 -4.02
N7 ANP B . 4.19 -0.04 -5.15
C5 ANP B . 3.55 -1.22 -5.23
C6 ANP B . 2.60 -1.86 -6.17
N6 ANP B . 2.17 -1.20 -7.27
N1 ANP B . 2.18 -3.11 -5.89
C2 ANP B . 2.60 -3.77 -4.80
N3 ANP B . 3.46 -3.25 -3.91
C4 ANP B . 3.96 -2.01 -4.07
#